data_1O5F
#
_entry.id   1O5F
#
_cell.length_a   59.02
_cell.length_b   47.95
_cell.length_c   63.38
_cell.angle_alpha   90.0
_cell.angle_beta   105.23
_cell.angle_gamma   90.0
#
_symmetry.space_group_name_H-M   'P 1 21 1'
#
loop_
_entity.id
_entity.type
_entity.pdbx_description
1 polymer 'Serine protease hepsin'
2 polymer 'Serine protease hepsin'
3 non-polymer 2-{5-[AMINO(IMINIO)METHYL]-6-FLUORO-1H-BENZIMIDAZOL-2-YL}-6-[(2-METHYLCYCLOHEXYL)OXY]BENZENOLATE
4 water water
#
loop_
_entity_poly.entity_id
_entity_poly.type
_entity_poly.pdbx_seq_one_letter_code
_entity_poly.pdbx_strand_id
1 'polypeptide(L)'
;SDQEPLYPVQVSSADARLMVFDKTEGTWRLLCSSRSNARVAGLSCEEMGFLRALTHSELDVRTAGAAGTSGFFCVDEGRL
PHTQRLLEVISVCDCPRGRFLAAICQDCGRRKLP
;
L
2 'polypeptide(L)'
;IVGGRDTSLGRWPWQVSLRYDGAHLCGGSLLSGDWVLTAAHCFPERNRVLSRWRVFAGAVAQASPHGLQLGVQAVVYHGG
YLPFRDPNSEENSNDIALVHLSSPLPLTEYIQPVCLPAAGQALVDGKICTVTGWGNTQYYGQQAGVLQEARVPIISNDVC
NGADFYGNQIKPKMFCAGYPEGGIDACQGDSGGPFVCEDSISRTPRWRLCGIVSWGTGCALAQKPGVYTKVSDFREWIFQ
AIKTHSEASGMVTQL
;
H
#
# COMPACT_ATOMS: atom_id res chain seq x y z
N PRO A 5 -19.90 6.79 0.21
CA PRO A 5 -18.72 5.92 0.00
C PRO A 5 -17.52 6.79 -0.36
N LEU A 6 -17.77 7.92 -1.00
CA LEU A 6 -16.63 8.82 -1.36
C LEU A 6 -15.82 9.11 -0.08
N TYR A 7 -14.53 9.30 -0.22
CA TYR A 7 -13.72 9.58 0.98
C TYR A 7 -13.99 11.09 1.22
N PRO A 8 -14.06 11.52 2.45
CA PRO A 8 -14.25 12.95 2.82
C PRO A 8 -13.16 13.89 2.41
N VAL A 9 -12.01 13.40 2.05
CA VAL A 9 -10.91 14.31 1.60
C VAL A 9 -10.69 13.89 0.12
N GLN A 10 -10.68 14.88 -0.75
CA GLN A 10 -10.48 14.68 -2.21
C GLN A 10 -9.50 15.71 -2.76
N VAL A 11 -8.89 15.35 -3.85
CA VAL A 11 -7.94 16.27 -4.51
C VAL A 11 -8.42 16.27 -5.94
N SER A 12 -8.39 17.43 -6.51
CA SER A 12 -8.84 17.61 -7.91
C SER A 12 -7.79 17.15 -8.89
N SER A 13 -8.22 16.55 -9.95
CA SER A 13 -7.25 16.07 -10.97
C SER A 13 -7.08 17.22 -11.98
N ALA A 14 -7.87 18.26 -11.86
CA ALA A 14 -7.73 19.38 -12.82
C ALA A 14 -6.63 20.28 -12.30
N ASP A 15 -6.73 20.67 -11.06
CA ASP A 15 -5.67 21.56 -10.49
C ASP A 15 -5.10 21.21 -9.12
N ALA A 16 -5.35 19.99 -8.69
CA ALA A 16 -4.86 19.47 -7.38
C ALA A 16 -5.35 20.21 -6.13
N ARG A 17 -6.44 20.95 -6.25
CA ARG A 17 -6.92 21.66 -5.04
C ARG A 17 -7.53 20.59 -4.12
N LEU A 18 -7.36 20.83 -2.85
CA LEU A 18 -7.89 19.89 -1.82
C LEU A 18 -9.31 20.30 -1.49
N MET A 19 -10.16 19.32 -1.32
CA MET A 19 -11.59 19.52 -0.97
C MET A 19 -11.88 18.61 0.22
N VAL A 20 -12.60 19.15 1.17
CA VAL A 20 -12.96 18.40 2.39
C VAL A 20 -14.46 18.55 2.51
N PHE A 21 -15.05 17.44 2.78
CA PHE A 21 -16.53 17.32 2.94
C PHE A 21 -16.98 17.92 4.26
N ASP A 22 -18.07 18.62 4.20
CA ASP A 22 -18.67 19.27 5.39
C ASP A 22 -20.01 18.54 5.51
N LYS A 23 -20.03 17.63 6.44
CA LYS A 23 -21.24 16.80 6.71
C LYS A 23 -22.47 17.54 7.21
N THR A 24 -22.30 18.68 7.84
CA THR A 24 -23.55 19.37 8.30
C THR A 24 -24.23 20.04 7.11
N GLU A 25 -23.51 20.19 6.04
CA GLU A 25 -24.14 20.85 4.86
C GLU A 25 -24.22 19.99 3.65
N GLY A 26 -23.36 19.02 3.59
CA GLY A 26 -23.35 18.10 2.42
C GLY A 26 -22.59 18.83 1.32
N THR A 27 -21.70 19.71 1.70
CA THR A 27 -20.89 20.50 0.69
C THR A 27 -19.40 20.20 0.78
N TRP A 28 -18.66 20.61 -0.22
CA TRP A 28 -17.20 20.38 -0.22
C TRP A 28 -16.61 21.79 -0.02
N ARG A 29 -15.65 21.87 0.84
CA ARG A 29 -14.97 23.14 1.14
C ARG A 29 -13.49 23.00 0.82
N LEU A 30 -12.92 24.15 0.62
CA LEU A 30 -11.47 24.32 0.28
C LEU A 30 -10.75 24.46 1.61
N LEU A 31 -9.45 24.38 1.56
CA LEU A 31 -8.58 24.50 2.77
C LEU A 31 -7.86 25.82 2.58
N CYS A 32 -8.16 26.70 3.50
CA CYS A 32 -7.54 28.04 3.49
C CYS A 32 -6.04 27.93 3.72
N SER A 33 -5.32 28.67 2.93
CA SER A 33 -3.85 28.69 2.98
C SER A 33 -3.38 29.16 4.40
N SER A 34 -2.29 28.60 4.88
CA SER A 34 -1.72 28.93 6.20
C SER A 34 -0.21 28.73 6.12
N ARG A 35 0.43 29.11 7.19
CA ARG A 35 1.89 28.97 7.27
C ARG A 35 2.17 27.47 7.36
N SER A 36 1.22 26.65 7.73
CA SER A 36 1.54 25.19 7.82
C SER A 36 1.13 24.37 6.56
N ASN A 37 0.98 25.05 5.48
CA ASN A 37 0.58 24.36 4.22
C ASN A 37 1.36 23.07 3.93
N ALA A 38 2.64 23.06 4.21
CA ALA A 38 3.41 21.80 3.90
C ALA A 38 2.97 20.62 4.71
N ARG A 39 2.73 20.85 5.95
CA ARG A 39 2.29 19.71 6.82
C ARG A 39 0.86 19.34 6.45
N VAL A 40 0.06 20.32 6.12
CA VAL A 40 -1.35 20.02 5.76
C VAL A 40 -1.37 19.28 4.40
N ALA A 41 -0.51 19.66 3.49
CA ALA A 41 -0.47 19.00 2.16
C ALA A 41 -0.05 17.51 2.42
N GLY A 42 0.99 17.36 3.20
CA GLY A 42 1.52 16.03 3.54
C GLY A 42 0.49 15.15 4.28
N LEU A 43 -0.15 15.72 5.26
CA LEU A 43 -1.18 14.98 6.04
C LEU A 43 -2.36 14.59 5.16
N SER A 44 -2.84 15.49 4.32
CA SER A 44 -4.00 15.22 3.39
C SER A 44 -3.70 14.03 2.43
N CYS A 45 -2.52 14.02 1.86
CA CYS A 45 -2.15 12.91 0.94
C CYS A 45 -2.13 11.59 1.75
N GLU A 46 -1.43 11.59 2.86
CA GLU A 46 -1.36 10.36 3.73
C GLU A 46 -2.79 9.82 4.04
N GLU A 47 -3.60 10.75 4.45
CA GLU A 47 -5.03 10.51 4.81
C GLU A 47 -5.78 9.79 3.72
N MET A 48 -5.50 10.27 2.54
CA MET A 48 -6.17 9.68 1.36
C MET A 48 -5.58 8.39 0.89
N GLY A 49 -4.50 7.97 1.49
CA GLY A 49 -3.88 6.68 1.05
C GLY A 49 -2.76 6.87 0.04
N PHE A 50 -2.26 8.08 -0.09
CA PHE A 50 -1.15 8.34 -1.07
C PHE A 50 0.07 8.30 -0.13
N LEU A 51 1.25 8.18 -0.64
CA LEU A 51 2.40 8.10 0.30
C LEU A 51 2.85 9.43 0.84
N ARG A 52 2.83 10.40 -0.01
CA ARG A 52 3.27 11.77 0.39
C ARG A 52 2.84 12.77 -0.65
N ALA A 53 3.11 14.00 -0.32
CA ALA A 53 2.77 15.11 -1.25
C ALA A 53 4.11 15.38 -1.87
N LEU A 54 4.16 15.49 -3.15
CA LEU A 54 5.43 15.77 -3.88
C LEU A 54 5.63 17.28 -3.79
N THR A 55 4.56 18.02 -3.91
CA THR A 55 4.67 19.51 -3.82
C THR A 55 3.25 20.05 -3.48
N HIS A 56 3.14 21.33 -3.25
CA HIS A 56 1.82 21.93 -2.93
C HIS A 56 1.94 23.36 -3.37
N SER A 57 0.83 24.01 -3.57
CA SER A 57 0.90 25.42 -4.00
C SER A 57 -0.35 26.12 -3.47
N GLU A 58 -0.44 27.37 -3.69
CA GLU A 58 -1.59 28.16 -3.21
C GLU A 58 -2.33 28.70 -4.44
N LEU A 59 -3.61 28.52 -4.47
CA LEU A 59 -4.41 29.00 -5.61
C LEU A 59 -5.19 30.23 -5.07
N ASP A 60 -5.76 30.98 -5.96
CA ASP A 60 -6.53 32.18 -5.57
C ASP A 60 -7.90 31.99 -6.16
N VAL A 61 -8.90 32.04 -5.34
CA VAL A 61 -10.30 31.86 -5.81
C VAL A 61 -10.60 32.80 -6.98
N ARG A 62 -10.03 33.97 -6.90
CA ARG A 62 -10.27 34.94 -8.01
C ARG A 62 -9.66 34.68 -9.40
N THR A 63 -8.74 33.75 -9.43
CA THR A 63 -8.10 33.41 -10.70
C THR A 63 -8.39 31.93 -11.01
N ALA A 64 -8.52 31.13 -9.99
CA ALA A 64 -8.79 29.68 -10.20
C ALA A 64 -10.27 29.30 -10.15
N GLY A 65 -11.07 30.00 -9.40
CA GLY A 65 -12.52 29.65 -9.35
C GLY A 65 -12.77 28.86 -8.06
N ALA A 66 -14.03 28.57 -7.83
CA ALA A 66 -14.45 27.79 -6.61
C ALA A 66 -14.58 26.31 -6.96
N ALA A 67 -14.85 26.10 -8.21
CA ALA A 67 -15.03 24.73 -8.82
C ALA A 67 -16.00 23.85 -8.05
N GLY A 68 -17.10 24.45 -7.68
CA GLY A 68 -18.16 23.75 -6.94
C GLY A 68 -17.98 23.58 -5.46
N THR A 69 -17.24 24.42 -4.80
CA THR A 69 -17.08 24.21 -3.35
C THR A 69 -17.93 25.33 -2.71
N SER A 70 -18.12 25.27 -1.43
CA SER A 70 -18.93 26.30 -0.76
C SER A 70 -18.19 26.74 0.49
N GLY A 71 -17.20 27.56 0.39
CA GLY A 71 -16.53 27.95 1.64
C GLY A 71 -15.20 27.32 1.83
N PHE A 72 -14.73 27.62 3.01
CA PHE A 72 -13.41 27.17 3.51
C PHE A 72 -13.48 26.59 4.89
N PHE A 73 -12.38 25.91 5.13
CA PHE A 73 -12.09 25.23 6.39
C PHE A 73 -10.71 25.79 6.66
N CYS A 74 -10.42 26.04 7.89
CA CYS A 74 -9.10 26.57 8.29
C CYS A 74 -8.59 25.56 9.27
N VAL A 75 -7.30 25.48 9.33
CA VAL A 75 -6.63 24.52 10.22
C VAL A 75 -6.08 25.16 11.51
N ASP A 76 -6.21 24.41 12.56
CA ASP A 76 -5.73 24.84 13.89
C ASP A 76 -4.29 24.37 13.85
N GLU A 77 -3.45 25.30 13.53
CA GLU A 77 -2.00 25.02 13.43
C GLU A 77 -1.42 24.60 14.78
N GLY A 78 -2.03 25.03 15.84
CA GLY A 78 -1.51 24.66 17.19
C GLY A 78 -1.83 23.21 17.56
N ARG A 79 -2.85 22.66 16.95
CA ARG A 79 -3.19 21.26 17.27
C ARG A 79 -2.66 20.36 16.12
N LEU A 80 -2.53 20.94 14.94
CA LEU A 80 -2.03 20.24 13.74
C LEU A 80 -0.94 19.13 13.99
N PRO A 81 0.14 19.46 14.65
CA PRO A 81 1.23 18.47 14.89
C PRO A 81 0.96 17.43 15.99
N HIS A 82 -0.26 17.29 16.38
CA HIS A 82 -0.63 16.29 17.44
C HIS A 82 -1.52 15.24 16.77
N THR A 83 -2.01 15.60 15.63
CA THR A 83 -2.92 14.75 14.81
C THR A 83 -2.37 13.66 13.91
N GLN A 84 -3.34 12.86 13.53
CA GLN A 84 -3.15 11.70 12.63
C GLN A 84 -4.20 12.02 11.57
N ARG A 85 -5.33 12.60 11.92
CA ARG A 85 -6.36 12.91 10.88
C ARG A 85 -6.64 14.41 10.77
N LEU A 86 -6.88 14.78 9.55
CA LEU A 86 -7.18 16.17 9.17
C LEU A 86 -8.49 16.71 9.72
N LEU A 87 -9.52 15.95 9.52
CA LEU A 87 -10.87 16.39 9.99
C LEU A 87 -10.96 16.75 11.45
N GLU A 88 -10.03 16.27 12.25
CA GLU A 88 -10.18 16.65 13.67
C GLU A 88 -9.47 17.99 14.03
N VAL A 89 -8.84 18.70 13.11
CA VAL A 89 -8.19 20.00 13.50
C VAL A 89 -8.64 21.05 12.53
N ILE A 90 -9.78 20.85 11.95
CA ILE A 90 -10.26 21.84 10.98
C ILE A 90 -11.57 22.50 11.47
N SER A 91 -11.82 23.70 11.00
CA SER A 91 -13.07 24.43 11.40
C SER A 91 -13.48 25.38 10.27
N VAL A 92 -14.73 25.65 10.11
CA VAL A 92 -15.15 26.56 9.02
C VAL A 92 -14.52 27.92 9.31
N CYS A 93 -14.21 28.63 8.26
CA CYS A 93 -13.61 29.95 8.47
C CYS A 93 -13.99 30.77 7.29
N ASP A 94 -13.51 32.00 7.29
CA ASP A 94 -13.82 32.94 6.17
C ASP A 94 -12.71 33.01 5.16
N CYS A 95 -11.52 32.73 5.57
CA CYS A 95 -10.38 32.78 4.63
C CYS A 95 -10.40 34.07 3.77
N PRO A 96 -10.29 35.21 4.43
CA PRO A 96 -10.25 36.57 3.78
C PRO A 96 -9.40 36.67 2.52
N ARG A 97 -8.20 36.15 2.57
CA ARG A 97 -7.33 36.22 1.36
C ARG A 97 -7.86 35.40 0.17
N GLY A 98 -8.77 34.51 0.42
CA GLY A 98 -9.33 33.68 -0.67
C GLY A 98 -8.25 32.81 -1.34
N ARG A 99 -7.25 32.46 -0.56
CA ARG A 99 -6.13 31.62 -1.10
C ARG A 99 -6.24 30.25 -0.46
N PHE A 100 -6.18 29.25 -1.28
CA PHE A 100 -6.29 27.87 -0.74
C PHE A 100 -5.16 26.96 -1.24
N LEU A 101 -5.09 25.85 -0.61
CA LEU A 101 -4.06 24.87 -0.92
C LEU A 101 -4.42 23.81 -1.97
N ALA A 102 -3.39 23.52 -2.74
CA ALA A 102 -3.41 22.51 -3.85
C ALA A 102 -2.24 21.58 -3.38
N ALA A 103 -2.41 20.31 -3.55
CA ALA A 103 -1.35 19.34 -3.14
C ALA A 103 -1.17 18.34 -4.27
N ILE A 104 0.05 18.07 -4.64
CA ILE A 104 0.32 17.09 -5.73
C ILE A 104 0.78 15.90 -4.88
N CYS A 105 -0.04 14.90 -4.75
CA CYS A 105 0.29 13.67 -3.94
C CYS A 105 0.90 12.69 -4.95
N GLN A 106 1.67 11.77 -4.47
CA GLN A 106 2.30 10.79 -5.39
C GLN A 106 1.16 9.90 -5.98
N ASP A 107 1.08 9.85 -7.29
CA ASP A 107 0.02 9.03 -7.98
C ASP A 107 0.32 7.54 -7.70
N CYS A 108 -0.73 6.78 -7.62
CA CYS A 108 -0.59 5.34 -7.34
C CYS A 108 -1.86 4.58 -7.75
N GLY A 109 -1.72 3.27 -7.70
CA GLY A 109 -2.82 2.33 -8.01
C GLY A 109 -3.48 2.37 -9.37
N ARG A 110 -2.86 2.96 -10.36
CA ARG A 110 -3.49 3.00 -11.73
C ARG A 110 -2.53 2.43 -12.80
N ARG A 111 -3.07 1.69 -13.70
CA ARG A 111 -2.24 1.10 -14.79
C ARG A 111 -2.10 2.23 -15.80
N LYS A 112 -1.02 2.24 -16.52
CA LYS A 112 -0.77 3.28 -17.52
C LYS A 112 -0.62 2.73 -18.95
N LEU A 113 -1.23 1.61 -19.21
CA LEU A 113 -1.13 1.01 -20.57
C LEU A 113 -2.11 1.80 -21.41
N PRO A 114 -1.91 1.77 -22.71
CA PRO A 114 -2.96 2.20 -23.67
C PRO A 114 -4.34 1.55 -23.42
N ILE B 1 1.44 -19.25 -6.56
CA ILE B 1 -0.03 -19.07 -6.66
C ILE B 1 -0.55 -20.36 -7.30
N VAL B 2 -1.50 -20.95 -6.63
CA VAL B 2 -2.13 -22.20 -7.10
C VAL B 2 -3.48 -21.78 -7.65
N GLY B 3 -3.82 -22.37 -8.74
CA GLY B 3 -5.12 -22.09 -9.43
C GLY B 3 -5.27 -20.71 -10.04
N GLY B 4 -4.19 -20.12 -10.45
CA GLY B 4 -4.25 -18.76 -11.06
C GLY B 4 -3.89 -18.85 -12.52
N ARG B 5 -3.66 -17.72 -13.11
CA ARG B 5 -3.30 -17.69 -14.55
C ARG B 5 -2.16 -16.75 -14.78
N ASP B 6 -1.56 -16.94 -15.93
CA ASP B 6 -0.41 -16.11 -16.37
C ASP B 6 -0.99 -14.72 -16.59
N THR B 7 -0.26 -13.72 -16.18
CA THR B 7 -0.79 -12.35 -16.39
C THR B 7 0.18 -11.71 -17.43
N SER B 8 -0.09 -10.49 -17.81
CA SER B 8 0.75 -9.78 -18.80
C SER B 8 1.38 -8.50 -18.19
N LEU B 9 2.29 -7.98 -18.96
CA LEU B 9 3.05 -6.74 -18.64
C LEU B 9 2.13 -5.55 -18.43
N GLY B 10 2.40 -4.79 -17.40
CA GLY B 10 1.58 -3.57 -17.11
C GLY B 10 0.36 -3.73 -16.28
N ARG B 11 -0.08 -4.95 -16.14
CA ARG B 11 -1.31 -5.23 -15.37
C ARG B 11 -1.17 -5.02 -13.85
N TRP B 12 -0.08 -5.46 -13.33
CA TRP B 12 0.20 -5.35 -11.89
C TRP B 12 1.60 -4.67 -11.72
N PRO B 13 1.71 -3.40 -12.11
CA PRO B 13 3.03 -2.69 -12.23
C PRO B 13 3.83 -2.45 -10.92
N TRP B 14 3.17 -2.69 -9.83
CA TRP B 14 3.80 -2.52 -8.50
C TRP B 14 4.49 -3.81 -7.98
N GLN B 15 4.21 -4.89 -8.62
CA GLN B 15 4.81 -6.20 -8.23
C GLN B 15 6.32 -6.28 -8.50
N VAL B 16 7.08 -6.64 -7.53
CA VAL B 16 8.55 -6.79 -7.69
C VAL B 16 8.93 -8.15 -7.07
N SER B 17 10.10 -8.57 -7.46
CA SER B 17 10.71 -9.85 -7.00
C SER B 17 11.94 -9.47 -6.23
N LEU B 18 12.08 -10.07 -5.08
CA LEU B 18 13.22 -9.84 -4.19
C LEU B 18 14.04 -11.14 -4.31
N ARG B 19 15.25 -10.97 -4.77
CA ARG B 19 16.19 -12.12 -4.98
C ARG B 19 17.38 -12.02 -4.05
N TYR B 20 17.81 -13.13 -3.52
CA TYR B 20 18.99 -13.17 -2.59
C TYR B 20 19.95 -14.10 -3.31
N ASP B 21 21.11 -13.61 -3.58
CA ASP B 21 22.18 -14.40 -4.31
C ASP B 21 21.60 -15.07 -5.55
N GLY B 22 20.83 -14.33 -6.30
CA GLY B 22 20.26 -14.93 -7.53
C GLY B 22 18.89 -15.58 -7.43
N ALA B 23 18.50 -16.07 -6.30
CA ALA B 23 17.15 -16.73 -6.24
C ALA B 23 15.98 -15.89 -5.76
N HIS B 24 14.87 -16.07 -6.41
CA HIS B 24 13.63 -15.33 -6.06
C HIS B 24 13.17 -15.91 -4.73
N LEU B 25 13.12 -15.07 -3.74
CA LEU B 25 12.69 -15.55 -2.40
C LEU B 25 11.34 -14.98 -2.01
N CYS B 26 11.19 -13.71 -2.22
CA CYS B 26 9.90 -13.09 -1.84
C CYS B 26 9.39 -12.11 -2.87
N GLY B 27 8.17 -11.78 -2.70
CA GLY B 27 7.52 -10.82 -3.60
C GLY B 27 7.51 -9.51 -2.76
N GLY B 28 7.10 -8.44 -3.37
CA GLY B 28 7.04 -7.12 -2.66
C GLY B 28 6.19 -6.22 -3.52
N SER B 29 5.81 -5.09 -2.94
CA SER B 29 4.98 -4.10 -3.66
C SER B 29 5.65 -2.72 -3.58
N LEU B 30 5.72 -2.06 -4.69
CA LEU B 30 6.35 -0.73 -4.73
C LEU B 30 5.37 0.32 -4.16
N LEU B 31 5.87 1.11 -3.26
CA LEU B 31 5.06 2.19 -2.61
C LEU B 31 5.49 3.49 -3.30
N SER B 32 6.67 3.51 -3.85
CA SER B 32 7.21 4.73 -4.58
C SER B 32 8.35 4.14 -5.44
N GLY B 33 9.13 4.94 -6.12
CA GLY B 33 10.23 4.40 -6.97
C GLY B 33 11.34 3.79 -6.17
N ASP B 34 11.41 4.15 -4.92
CA ASP B 34 12.49 3.61 -4.06
C ASP B 34 12.08 2.91 -2.77
N TRP B 35 10.82 2.66 -2.54
CA TRP B 35 10.42 1.95 -1.27
C TRP B 35 9.52 0.79 -1.66
N VAL B 36 9.79 -0.33 -1.06
CA VAL B 36 9.01 -1.57 -1.30
C VAL B 36 8.48 -2.07 0.04
N LEU B 37 7.25 -2.52 0.00
CA LEU B 37 6.61 -3.06 1.22
C LEU B 37 6.57 -4.60 1.04
N THR B 38 7.07 -5.30 2.00
CA THR B 38 7.07 -6.78 1.93
C THR B 38 6.90 -7.33 3.38
N ALA B 39 7.21 -8.58 3.53
CA ALA B 39 7.08 -9.26 4.87
C ALA B 39 8.42 -9.32 5.61
N ALA B 40 8.32 -9.13 6.90
CA ALA B 40 9.54 -9.18 7.74
C ALA B 40 10.20 -10.55 7.72
N HIS B 41 9.42 -11.60 7.59
CA HIS B 41 10.08 -12.96 7.61
C HIS B 41 10.98 -13.26 6.46
N CYS B 42 11.01 -12.38 5.51
CA CYS B 42 11.88 -12.62 4.35
C CYS B 42 13.29 -12.27 4.69
N PHE B 43 13.51 -11.73 5.85
CA PHE B 43 14.90 -11.35 6.26
C PHE B 43 15.37 -12.02 7.56
N PRO B 44 15.48 -13.33 7.60
CA PRO B 44 16.04 -14.04 8.78
C PRO B 44 17.55 -13.77 8.86
N GLU B 45 18.11 -14.17 9.98
CA GLU B 45 19.57 -14.01 10.30
C GLU B 45 20.44 -14.24 9.07
N ARG B 46 20.27 -15.40 8.51
CA ARG B 46 21.04 -15.81 7.30
C ARG B 46 20.90 -14.92 6.06
N ASN B 47 19.88 -14.11 5.94
CA ASN B 47 19.77 -13.27 4.71
C ASN B 47 19.84 -11.79 4.95
N ARG B 48 20.72 -11.38 5.81
CA ARG B 48 20.81 -9.92 6.09
C ARG B 48 22.06 -9.19 5.59
N VAL B 49 22.60 -9.64 4.49
CA VAL B 49 23.82 -8.96 3.93
C VAL B 49 23.12 -8.32 2.73
N LEU B 50 22.78 -7.09 2.92
CA LEU B 50 22.09 -6.36 1.87
C LEU B 50 22.71 -6.42 0.50
N SER B 51 24.01 -6.50 0.41
CA SER B 51 24.68 -6.57 -0.95
C SER B 51 24.28 -7.80 -1.72
N ARG B 52 23.70 -8.74 -1.05
CA ARG B 52 23.29 -9.99 -1.73
C ARG B 52 21.82 -9.94 -2.16
N TRP B 53 21.13 -8.83 -1.95
CA TRP B 53 19.69 -8.76 -2.35
C TRP B 53 19.57 -7.84 -3.56
N ARG B 54 18.64 -8.15 -4.42
CA ARG B 54 18.38 -7.32 -5.63
C ARG B 54 16.85 -7.26 -5.71
N VAL B 55 16.35 -6.23 -6.35
CA VAL B 55 14.89 -6.03 -6.53
C VAL B 55 14.75 -6.01 -8.04
N PHE B 56 13.94 -6.88 -8.55
CA PHE B 56 13.65 -7.04 -9.99
C PHE B 56 12.25 -6.51 -10.23
N ALA B 57 12.18 -5.58 -11.17
CA ALA B 57 10.92 -4.88 -11.58
C ALA B 57 10.71 -4.65 -13.06
N GLY B 58 9.45 -4.41 -13.38
CA GLY B 58 9.01 -4.13 -14.75
C GLY B 58 8.92 -5.27 -15.72
N ALA B 59 8.81 -6.48 -15.27
CA ALA B 59 8.70 -7.65 -16.22
C ALA B 59 7.88 -8.74 -15.52
N VAL B 60 7.18 -9.57 -16.26
CA VAL B 60 6.37 -10.65 -15.60
C VAL B 60 7.11 -12.00 -15.75
N ALA B 61 8.12 -12.08 -16.61
CA ALA B 61 8.86 -13.37 -16.76
C ALA B 61 10.13 -13.19 -15.94
N GLN B 62 10.42 -14.09 -15.05
CA GLN B 62 11.64 -13.95 -14.21
C GLN B 62 12.93 -13.82 -15.01
N ALA B 63 12.95 -14.42 -16.17
CA ALA B 63 14.17 -14.36 -17.02
C ALA B 63 14.05 -13.31 -18.12
N SER B 64 13.27 -12.29 -17.90
CA SER B 64 13.16 -11.26 -18.97
C SER B 64 14.48 -10.49 -18.80
N PRO B 65 15.15 -10.20 -19.89
CA PRO B 65 16.28 -9.24 -19.88
C PRO B 65 15.81 -7.78 -19.85
N HIS B 66 14.53 -7.60 -20.01
CA HIS B 66 13.97 -6.22 -20.00
C HIS B 66 13.48 -5.72 -18.62
N GLY B 67 13.70 -6.46 -17.58
CA GLY B 67 13.23 -5.97 -16.25
C GLY B 67 14.42 -5.22 -15.71
N LEU B 68 14.23 -4.48 -14.66
CA LEU B 68 15.35 -3.70 -14.05
C LEU B 68 15.65 -4.34 -12.73
N GLN B 69 16.89 -4.23 -12.35
CA GLN B 69 17.36 -4.79 -11.06
C GLN B 69 18.12 -3.74 -10.24
N LEU B 70 17.68 -3.40 -9.05
CA LEU B 70 18.44 -2.39 -8.24
C LEU B 70 18.79 -3.04 -6.90
N GLY B 71 19.72 -2.39 -6.26
CA GLY B 71 20.23 -2.84 -4.95
C GLY B 71 19.39 -2.24 -3.82
N VAL B 72 19.73 -2.71 -2.64
CA VAL B 72 19.07 -2.33 -1.38
C VAL B 72 20.02 -1.58 -0.46
N GLN B 73 19.52 -0.51 0.07
CA GLN B 73 20.28 0.36 0.99
C GLN B 73 19.93 -0.04 2.40
N ALA B 74 18.67 -0.20 2.66
CA ALA B 74 18.26 -0.58 4.03
C ALA B 74 16.97 -1.37 4.08
N VAL B 75 16.78 -2.04 5.17
CA VAL B 75 15.53 -2.83 5.38
C VAL B 75 15.12 -2.40 6.79
N VAL B 76 13.89 -2.03 6.92
CA VAL B 76 13.36 -1.59 8.24
C VAL B 76 12.32 -2.67 8.55
N TYR B 77 12.47 -3.43 9.59
CA TYR B 77 11.42 -4.44 9.84
C TYR B 77 10.74 -4.11 11.15
N HIS B 78 9.58 -4.68 11.34
CA HIS B 78 8.79 -4.43 12.57
C HIS B 78 9.40 -5.13 13.79
N GLY B 79 9.76 -4.35 14.77
CA GLY B 79 10.35 -4.92 16.00
C GLY B 79 9.33 -5.77 16.81
N GLY B 80 8.08 -5.86 16.41
CA GLY B 80 7.10 -6.67 17.20
C GLY B 80 6.93 -8.03 16.53
N TYR B 81 7.79 -8.29 15.56
CA TYR B 81 7.71 -9.59 14.83
C TYR B 81 8.57 -10.52 15.74
N LEU B 82 7.90 -11.01 16.73
CA LEU B 82 8.50 -11.91 17.74
C LEU B 82 9.31 -13.07 17.21
N PRO B 83 9.00 -13.66 16.10
CA PRO B 83 9.90 -14.67 15.52
C PRO B 83 11.36 -14.23 15.39
N PHE B 84 11.63 -12.96 15.45
CA PHE B 84 13.02 -12.46 15.32
C PHE B 84 13.45 -11.97 16.71
N ASN B 92 3.51 -14.81 14.72
CA ASN B 92 3.47 -14.26 13.31
C ASN B 92 2.89 -12.84 13.09
N SER B 93 2.42 -12.17 14.11
CA SER B 93 1.85 -10.81 13.91
C SER B 93 3.08 -9.93 13.62
N ASN B 94 2.73 -8.83 13.03
CA ASN B 94 3.67 -7.77 12.62
C ASN B 94 4.64 -8.26 11.54
N ASP B 95 4.16 -9.07 10.64
CA ASP B 95 5.06 -9.59 9.56
C ASP B 95 5.01 -8.59 8.38
N ILE B 96 5.79 -7.57 8.57
CA ILE B 96 5.91 -6.46 7.57
C ILE B 96 7.32 -5.81 7.64
N ALA B 97 7.75 -5.28 6.52
CA ALA B 97 9.07 -4.62 6.44
C ALA B 97 9.03 -3.73 5.22
N LEU B 98 9.94 -2.80 5.25
CA LEU B 98 10.11 -1.80 4.16
C LEU B 98 11.52 -1.99 3.63
N VAL B 99 11.64 -1.85 2.36
CA VAL B 99 12.95 -2.00 1.69
C VAL B 99 13.16 -0.72 0.90
N HIS B 100 14.29 -0.11 1.19
CA HIS B 100 14.67 1.16 0.52
C HIS B 100 15.72 0.78 -0.54
N LEU B 101 15.46 1.13 -1.75
CA LEU B 101 16.40 0.80 -2.87
C LEU B 101 17.53 1.81 -2.89
N SER B 102 18.67 1.40 -3.34
CA SER B 102 19.83 2.34 -3.36
C SER B 102 19.57 3.53 -4.32
N SER B 103 18.71 3.36 -5.28
CA SER B 103 18.39 4.46 -6.23
C SER B 103 16.95 4.19 -6.66
N PRO B 104 16.19 5.15 -7.13
CA PRO B 104 14.81 4.86 -7.53
C PRO B 104 14.63 4.27 -8.94
N LEU B 105 13.54 3.55 -9.05
CA LEU B 105 13.18 2.91 -10.31
C LEU B 105 12.47 4.01 -11.04
N PRO B 106 12.60 4.05 -12.33
CA PRO B 106 11.80 4.98 -13.16
C PRO B 106 10.38 4.49 -13.15
N LEU B 107 9.41 5.34 -13.29
CA LEU B 107 8.02 4.84 -13.27
C LEU B 107 7.65 4.88 -14.73
N THR B 108 7.16 3.78 -15.21
CA THR B 108 6.76 3.70 -16.63
C THR B 108 5.41 3.00 -16.69
N GLU B 109 5.05 2.60 -17.86
CA GLU B 109 3.76 1.88 -17.96
C GLU B 109 3.91 0.47 -17.34
N TYR B 110 5.10 0.09 -16.99
CA TYR B 110 5.31 -1.25 -16.38
C TYR B 110 5.76 -1.20 -14.96
N ILE B 111 6.13 -0.03 -14.51
CA ILE B 111 6.58 0.14 -13.11
C ILE B 111 5.76 1.32 -12.53
N GLN B 112 4.90 1.05 -11.58
CA GLN B 112 4.04 2.10 -10.94
C GLN B 112 3.87 1.72 -9.49
N PRO B 113 3.77 2.64 -8.55
CA PRO B 113 3.43 2.24 -7.15
C PRO B 113 1.94 1.93 -6.92
N VAL B 114 1.72 1.24 -5.85
CA VAL B 114 0.32 0.87 -5.48
C VAL B 114 -0.02 1.87 -4.33
N CYS B 115 -1.30 2.06 -4.09
CA CYS B 115 -1.75 3.00 -3.01
C CYS B 115 -1.93 2.24 -1.68
N LEU B 116 -2.14 3.00 -0.63
CA LEU B 116 -2.35 2.41 0.72
C LEU B 116 -3.84 2.61 0.92
N PRO B 117 -4.44 1.85 1.81
CA PRO B 117 -5.81 2.15 2.30
C PRO B 117 -5.86 3.58 2.91
N ALA B 118 -6.98 4.21 2.75
CA ALA B 118 -7.13 5.58 3.31
C ALA B 118 -7.35 5.42 4.82
N ALA B 119 -7.24 6.51 5.53
CA ALA B 119 -7.43 6.48 7.00
C ALA B 119 -8.87 6.09 7.25
N GLY B 120 -9.05 5.14 8.11
CA GLY B 120 -10.43 4.72 8.42
C GLY B 120 -10.95 3.65 7.44
N GLN B 121 -10.31 3.55 6.30
CA GLN B 121 -10.79 2.56 5.32
C GLN B 121 -10.67 1.16 5.87
N ALA B 122 -11.76 0.49 6.00
CA ALA B 122 -11.72 -0.91 6.54
C ALA B 122 -11.89 -1.99 5.43
N LEU B 123 -11.48 -3.18 5.79
CA LEU B 123 -11.57 -4.34 4.84
C LEU B 123 -13.05 -4.71 4.75
N VAL B 124 -13.42 -5.11 3.58
CA VAL B 124 -14.80 -5.52 3.30
C VAL B 124 -14.85 -7.06 3.22
N ASP B 125 -15.33 -7.71 4.26
CA ASP B 125 -15.38 -9.22 4.17
C ASP B 125 -16.19 -9.63 2.93
N GLY B 126 -15.82 -10.71 2.27
CA GLY B 126 -16.60 -11.12 1.08
C GLY B 126 -16.09 -10.43 -0.18
N LYS B 127 -15.46 -9.27 -0.06
CA LYS B 127 -14.95 -8.58 -1.29
C LYS B 127 -13.87 -9.48 -1.95
N ILE B 128 -13.87 -9.46 -3.24
CA ILE B 128 -12.91 -10.25 -4.04
C ILE B 128 -11.80 -9.35 -4.57
N CYS B 129 -10.63 -9.67 -4.12
CA CYS B 129 -9.37 -8.93 -4.46
C CYS B 129 -8.45 -9.89 -5.24
N THR B 130 -7.32 -9.37 -5.64
CA THR B 130 -6.33 -10.18 -6.42
C THR B 130 -5.02 -10.34 -5.64
N VAL B 131 -4.40 -11.46 -5.85
CA VAL B 131 -3.13 -11.72 -5.20
C VAL B 131 -2.23 -12.16 -6.42
N THR B 132 -0.99 -11.70 -6.43
CA THR B 132 -0.07 -12.05 -7.54
C THR B 132 1.29 -12.51 -6.99
N GLY B 133 2.04 -13.19 -7.80
CA GLY B 133 3.37 -13.67 -7.38
C GLY B 133 3.92 -14.74 -8.32
N TRP B 134 5.15 -15.05 -8.06
CA TRP B 134 5.94 -16.08 -8.84
C TRP B 134 6.17 -17.32 -8.00
N GLY B 135 5.41 -17.48 -6.95
CA GLY B 135 5.58 -18.68 -6.09
C GLY B 135 5.11 -19.97 -6.80
N ASN B 136 5.32 -21.04 -6.10
CA ASN B 136 4.95 -22.38 -6.58
C ASN B 136 3.51 -22.44 -7.04
N THR B 137 3.26 -23.19 -8.07
CA THR B 137 1.87 -23.32 -8.59
C THR B 137 1.17 -24.59 -8.02
N GLN B 138 1.92 -25.27 -7.20
CA GLN B 138 1.53 -26.50 -6.48
C GLN B 138 2.54 -26.49 -5.36
N TYR B 139 2.12 -26.88 -4.19
CA TYR B 139 3.03 -26.92 -3.03
C TYR B 139 4.34 -27.66 -3.38
N TYR B 140 4.21 -28.85 -3.89
CA TYR B 140 5.39 -29.72 -4.28
C TYR B 140 5.56 -29.49 -5.78
N GLY B 141 5.61 -28.25 -6.15
CA GLY B 141 5.78 -27.83 -7.55
C GLY B 141 6.94 -26.85 -7.66
N GLN B 142 7.02 -26.19 -8.76
CA GLN B 142 8.13 -25.21 -8.97
C GLN B 142 7.54 -23.81 -9.05
N GLN B 143 8.39 -22.85 -8.88
CA GLN B 143 7.93 -21.42 -8.94
C GLN B 143 7.44 -21.20 -10.33
N ALA B 144 6.74 -20.13 -10.48
CA ALA B 144 6.19 -19.78 -11.79
C ALA B 144 7.25 -18.95 -12.54
N GLY B 145 7.30 -19.19 -13.80
CA GLY B 145 8.27 -18.47 -14.66
C GLY B 145 7.65 -17.14 -15.09
N VAL B 146 6.34 -17.15 -15.16
CA VAL B 146 5.58 -15.95 -15.55
C VAL B 146 4.72 -15.68 -14.32
N LEU B 147 4.63 -14.41 -14.03
CA LEU B 147 3.85 -13.93 -12.87
C LEU B 147 2.40 -14.43 -13.05
N GLN B 148 1.84 -14.88 -11.96
CA GLN B 148 0.46 -15.41 -11.91
C GLN B 148 -0.48 -14.49 -11.10
N GLU B 149 -1.74 -14.54 -11.41
CA GLU B 149 -2.73 -13.72 -10.68
C GLU B 149 -3.92 -14.64 -10.34
N ALA B 150 -4.50 -14.39 -9.18
CA ALA B 150 -5.68 -15.18 -8.70
C ALA B 150 -6.60 -14.18 -7.95
N ARG B 151 -7.88 -14.47 -7.99
CA ARG B 151 -8.92 -13.64 -7.33
C ARG B 151 -9.44 -14.48 -6.23
N VAL B 152 -9.44 -13.94 -5.04
CA VAL B 152 -9.93 -14.68 -3.86
C VAL B 152 -10.70 -13.69 -2.96
N PRO B 153 -11.70 -14.16 -2.26
CA PRO B 153 -12.43 -13.31 -1.31
C PRO B 153 -11.87 -13.28 0.12
N ILE B 154 -12.18 -12.19 0.78
CA ILE B 154 -11.77 -11.93 2.17
C ILE B 154 -12.72 -12.80 3.01
N ILE B 155 -12.20 -13.46 3.98
CA ILE B 155 -12.99 -14.35 4.86
C ILE B 155 -13.05 -13.64 6.24
N SER B 156 -14.12 -13.82 6.96
CA SER B 156 -14.19 -13.15 8.29
C SER B 156 -13.35 -13.91 9.27
N ASN B 157 -12.95 -13.19 10.25
CA ASN B 157 -12.13 -13.77 11.32
C ASN B 157 -12.98 -14.75 12.11
N ASP B 158 -14.26 -14.48 12.21
CA ASP B 158 -15.11 -15.44 12.98
C ASP B 158 -14.99 -16.82 12.30
N VAL B 159 -15.04 -16.80 10.99
CA VAL B 159 -14.93 -18.07 10.26
C VAL B 159 -13.50 -18.60 10.34
N CYS B 160 -12.57 -17.78 9.97
CA CYS B 160 -11.17 -18.28 10.01
C CYS B 160 -10.63 -18.75 11.33
N ASN B 161 -11.06 -18.15 12.39
CA ASN B 161 -10.53 -18.62 13.70
C ASN B 161 -11.30 -19.82 14.21
N GLY B 162 -12.27 -20.29 13.47
CA GLY B 162 -13.04 -21.47 13.94
C GLY B 162 -12.09 -22.66 13.97
N ALA B 163 -12.35 -23.52 14.91
CA ALA B 163 -11.56 -24.74 15.10
C ALA B 163 -11.30 -25.49 13.81
N ASP B 164 -12.18 -25.44 12.85
CA ASP B 164 -11.93 -26.20 11.56
C ASP B 164 -11.06 -25.50 10.53
N PHE B 165 -10.73 -24.26 10.81
CA PHE B 165 -9.88 -23.49 9.88
C PHE B 165 -8.58 -23.33 10.65
N TYR B 166 -8.33 -22.19 11.25
CA TYR B 166 -7.03 -22.04 11.99
C TYR B 166 -7.16 -21.96 13.50
N GLY B 167 -8.18 -22.55 14.01
CA GLY B 167 -8.43 -22.55 15.49
C GLY B 167 -7.68 -21.52 16.35
N ASN B 168 -8.19 -20.32 16.33
CA ASN B 168 -7.62 -19.16 17.11
C ASN B 168 -6.20 -18.69 16.78
N GLN B 169 -5.70 -18.94 15.61
CA GLN B 169 -4.32 -18.50 15.27
C GLN B 169 -4.35 -17.14 14.51
N ILE B 170 -5.52 -16.71 14.11
CA ILE B 170 -5.61 -15.43 13.36
C ILE B 170 -5.75 -14.32 14.42
N LYS B 171 -4.73 -13.52 14.48
CA LYS B 171 -4.67 -12.38 15.45
C LYS B 171 -5.19 -11.12 14.74
N PRO B 172 -5.54 -10.10 15.50
CA PRO B 172 -6.28 -8.92 14.98
C PRO B 172 -5.62 -8.19 13.81
N LYS B 173 -4.31 -8.26 13.71
CA LYS B 173 -3.72 -7.54 12.57
C LYS B 173 -3.41 -8.42 11.35
N MET B 174 -4.19 -9.43 11.13
CA MET B 174 -3.96 -10.30 9.93
C MET B 174 -5.37 -10.73 9.55
N PHE B 175 -5.53 -11.24 8.35
CA PHE B 175 -6.87 -11.69 7.88
C PHE B 175 -6.62 -12.84 6.91
N CYS B 176 -7.68 -13.52 6.63
CA CYS B 176 -7.64 -14.69 5.71
C CYS B 176 -8.36 -14.38 4.43
N ALA B 177 -7.91 -15.01 3.38
CA ALA B 177 -8.57 -14.78 2.09
C ALA B 177 -8.44 -16.10 1.41
N GLY B 178 -9.46 -16.49 0.69
CA GLY B 178 -9.45 -17.80 -0.03
C GLY B 178 -10.87 -18.38 -0.14
N TYR B 179 -10.97 -19.61 -0.56
CA TYR B 179 -12.27 -20.30 -0.72
C TYR B 179 -12.34 -21.41 0.31
N PRO B 180 -13.43 -21.60 1.03
CA PRO B 180 -13.54 -22.72 2.00
C PRO B 180 -13.18 -24.05 1.30
N GLU B 181 -13.56 -24.09 0.06
CA GLU B 181 -13.31 -25.29 -0.78
C GLU B 181 -11.81 -25.46 -1.15
N GLY B 182 -11.04 -24.41 -1.04
CA GLY B 182 -9.58 -24.50 -1.37
C GLY B 182 -9.46 -24.39 -2.90
N GLY B 183 -8.34 -24.79 -3.46
CA GLY B 183 -8.16 -24.72 -4.96
C GLY B 183 -7.39 -23.51 -5.55
N ILE B 184 -7.57 -22.37 -4.94
CA ILE B 184 -6.91 -21.11 -5.41
C ILE B 184 -6.30 -20.54 -4.15
N ASP B 185 -5.05 -20.24 -4.18
CA ASP B 185 -4.41 -19.68 -2.97
C ASP B 185 -3.01 -19.21 -3.36
N ALA B 186 -2.39 -18.56 -2.43
CA ALA B 186 -1.03 -18.05 -2.60
C ALA B 186 -0.21 -19.29 -2.15
N CYS B 187 1.08 -19.28 -2.30
CA CYS B 187 1.86 -20.46 -1.88
C CYS B 187 3.27 -19.99 -1.68
N GLN B 188 4.08 -20.94 -1.32
CA GLN B 188 5.54 -20.73 -1.06
C GLN B 188 6.16 -19.97 -2.27
N GLY B 189 6.83 -18.92 -1.97
CA GLY B 189 7.48 -18.06 -3.00
C GLY B 189 6.63 -16.78 -3.21
N ASP B 190 5.44 -16.74 -2.65
CA ASP B 190 4.57 -15.53 -2.84
C ASP B 190 4.67 -14.61 -1.61
N SER B 191 5.28 -15.09 -0.57
CA SER B 191 5.48 -14.33 0.70
C SER B 191 5.98 -12.89 0.44
N GLY B 192 5.39 -11.91 1.07
CA GLY B 192 5.81 -10.50 0.89
C GLY B 192 5.03 -9.80 -0.19
N GLY B 193 4.45 -10.58 -1.06
CA GLY B 193 3.68 -9.97 -2.16
C GLY B 193 2.36 -9.29 -1.86
N PRO B 194 1.82 -8.65 -2.88
CA PRO B 194 0.53 -7.97 -2.81
C PRO B 194 -0.81 -8.72 -2.87
N PHE B 195 -1.72 -8.17 -2.10
CA PHE B 195 -3.11 -8.62 -1.96
C PHE B 195 -3.72 -7.22 -2.21
N VAL B 196 -4.24 -6.98 -3.37
CA VAL B 196 -4.82 -5.67 -3.71
C VAL B 196 -6.29 -5.73 -4.06
N CYS B 197 -6.96 -4.68 -3.62
CA CYS B 197 -8.44 -4.51 -3.85
C CYS B 197 -8.64 -3.17 -4.57
N GLU B 198 -9.57 -3.08 -5.45
CA GLU B 198 -9.81 -1.79 -6.20
C GLU B 198 -11.06 -1.09 -5.70
N ASP B 199 -11.01 0.21 -5.66
CA ASP B 199 -12.19 0.98 -5.18
C ASP B 199 -12.17 2.33 -5.87
N SER B 200 -13.26 3.03 -5.80
CA SER B 200 -13.36 4.37 -6.43
C SER B 200 -13.67 5.47 -5.36
N ILE B 201 -13.20 5.32 -4.14
CA ILE B 201 -13.51 6.38 -3.12
C ILE B 201 -12.78 7.69 -3.41
N SER B 202 -11.76 7.67 -4.23
CA SER B 202 -11.03 8.94 -4.55
C SER B 202 -11.62 9.46 -5.89
N ARG B 203 -12.78 8.94 -6.20
CA ARG B 203 -13.56 9.25 -7.43
C ARG B 203 -12.91 8.58 -8.63
N THR B 204 -11.74 8.02 -8.49
CA THR B 204 -11.04 7.33 -9.61
C THR B 204 -10.82 5.86 -9.14
N PRO B 205 -11.01 4.86 -9.95
CA PRO B 205 -10.64 3.49 -9.52
C PRO B 205 -9.15 3.39 -9.32
N ARG B 206 -8.77 2.94 -8.18
CA ARG B 206 -7.36 2.78 -7.83
C ARG B 206 -7.25 1.43 -7.08
N TRP B 207 -6.10 0.83 -7.19
CA TRP B 207 -5.84 -0.47 -6.50
C TRP B 207 -5.05 -0.06 -5.27
N ARG B 208 -5.43 -0.69 -4.18
CA ARG B 208 -4.76 -0.41 -2.91
C ARG B 208 -4.30 -1.75 -2.36
N LEU B 209 -3.21 -1.66 -1.65
CA LEU B 209 -2.53 -2.81 -1.00
C LEU B 209 -3.23 -3.05 0.33
N CYS B 210 -4.11 -4.02 0.39
CA CYS B 210 -4.83 -4.31 1.67
C CYS B 210 -4.15 -5.38 2.49
N GLY B 211 -3.38 -6.22 1.85
CA GLY B 211 -2.67 -7.29 2.60
C GLY B 211 -1.30 -7.58 1.98
N ILE B 212 -0.53 -8.26 2.76
CA ILE B 212 0.84 -8.69 2.39
C ILE B 212 0.75 -10.22 2.65
N VAL B 213 1.11 -10.96 1.64
CA VAL B 213 1.11 -12.44 1.71
C VAL B 213 2.03 -12.79 2.85
N SER B 214 1.49 -13.46 3.84
CA SER B 214 2.29 -13.85 5.03
C SER B 214 2.46 -15.39 5.25
N TRP B 215 1.38 -16.12 5.40
CA TRP B 215 1.50 -17.57 5.61
C TRP B 215 0.19 -18.32 5.37
N GLY B 216 0.28 -19.58 5.61
CA GLY B 216 -0.89 -20.49 5.43
C GLY B 216 -0.41 -21.94 5.65
N THR B 217 -1.31 -22.87 5.78
CA THR B 217 -0.92 -24.29 5.98
C THR B 217 -1.07 -24.93 4.62
N GLY B 218 0.01 -25.48 4.08
CA GLY B 218 -0.02 -26.15 2.73
C GLY B 218 -0.42 -25.05 1.79
N CYS B 219 -1.05 -25.34 0.70
CA CYS B 219 -1.46 -24.27 -0.22
C CYS B 219 -2.65 -24.85 -0.87
N ALA B 220 -3.64 -24.02 -1.02
CA ALA B 220 -4.98 -24.32 -1.65
C ALA B 220 -5.80 -25.48 -1.00
N LEU B 221 -5.48 -25.86 0.20
CA LEU B 221 -6.26 -26.95 0.87
C LEU B 221 -7.61 -26.32 1.26
N ALA B 222 -8.62 -27.14 1.39
CA ALA B 222 -9.94 -26.61 1.77
C ALA B 222 -9.77 -26.30 3.26
N GLN B 223 -10.44 -25.27 3.69
CA GLN B 223 -10.43 -24.77 5.11
C GLN B 223 -9.06 -24.32 5.66
N LYS B 224 -8.10 -24.08 4.82
CA LYS B 224 -6.74 -23.60 5.28
C LYS B 224 -6.39 -22.46 4.26
N PRO B 225 -7.17 -21.39 4.36
CA PRO B 225 -7.05 -20.20 3.45
C PRO B 225 -5.71 -19.48 3.69
N GLY B 226 -5.39 -18.55 2.84
CA GLY B 226 -4.09 -17.87 3.08
C GLY B 226 -4.31 -16.76 4.12
N VAL B 227 -3.27 -16.45 4.88
CA VAL B 227 -3.32 -15.40 5.93
C VAL B 227 -2.37 -14.27 5.45
N TYR B 228 -2.88 -13.07 5.60
CA TYR B 228 -2.19 -11.83 5.20
C TYR B 228 -2.07 -10.85 6.34
N THR B 229 -1.07 -10.03 6.22
CA THR B 229 -0.83 -8.98 7.25
C THR B 229 -1.90 -7.92 6.83
N LYS B 230 -2.55 -7.28 7.76
CA LYS B 230 -3.57 -6.28 7.41
C LYS B 230 -2.82 -4.95 7.36
N VAL B 231 -2.62 -4.47 6.18
CA VAL B 231 -1.89 -3.19 5.99
C VAL B 231 -2.49 -1.96 6.67
N SER B 232 -3.79 -1.82 6.70
CA SER B 232 -4.39 -0.61 7.36
C SER B 232 -3.84 -0.40 8.78
N ASP B 233 -3.67 -1.49 9.49
CA ASP B 233 -3.16 -1.40 10.87
C ASP B 233 -1.72 -0.94 10.99
N PHE B 234 -1.05 -0.80 9.89
CA PHE B 234 0.39 -0.36 9.94
C PHE B 234 0.63 0.95 9.19
N ARG B 235 -0.42 1.59 8.78
CA ARG B 235 -0.26 2.87 8.05
C ARG B 235 0.73 3.84 8.73
N GLU B 236 0.46 4.10 9.97
CA GLU B 236 1.32 5.03 10.75
C GLU B 236 2.73 4.50 10.93
N TRP B 237 2.86 3.21 11.07
CA TRP B 237 4.20 2.60 11.23
C TRP B 237 4.97 2.90 9.91
N ILE B 238 4.30 2.79 8.79
CA ILE B 238 4.94 3.02 7.45
C ILE B 238 5.33 4.50 7.29
N PHE B 239 4.41 5.39 7.56
CA PHE B 239 4.74 6.85 7.42
C PHE B 239 5.95 7.22 8.31
N GLN B 240 5.91 6.77 9.55
CA GLN B 240 7.02 7.05 10.50
C GLN B 240 8.33 6.42 10.01
N ALA B 241 8.30 5.15 9.67
CA ALA B 241 9.54 4.47 9.19
C ALA B 241 10.22 5.20 8.04
N ILE B 242 9.45 5.60 7.09
CA ILE B 242 10.03 6.32 5.94
C ILE B 242 10.53 7.69 6.36
N LYS B 243 9.85 8.36 7.26
CA LYS B 243 10.39 9.70 7.65
C LYS B 243 11.66 9.48 8.42
N THR B 244 11.56 8.67 9.40
CA THR B 244 12.72 8.36 10.27
C THR B 244 14.00 7.76 9.63
N HIS B 245 13.80 6.76 8.82
CA HIS B 245 14.97 6.06 8.16
C HIS B 245 15.32 6.29 6.70
N SER B 246 14.89 7.34 6.10
CA SER B 246 15.22 7.59 4.66
C SER B 246 16.72 7.56 4.30
N GLU B 247 17.48 7.89 5.29
CA GLU B 247 18.98 7.96 5.16
C GLU B 247 19.64 6.78 5.88
N ALA B 248 18.88 5.81 6.33
CA ALA B 248 19.56 4.68 7.04
C ALA B 248 20.14 3.69 6.00
N SER B 249 21.03 2.88 6.46
CA SER B 249 21.68 1.87 5.61
C SER B 249 21.67 0.63 6.54
N GLY B 250 21.53 -0.55 6.01
CA GLY B 250 21.53 -1.74 6.92
C GLY B 250 20.13 -2.20 7.29
N MET B 251 20.11 -3.02 8.31
CA MET B 251 18.86 -3.61 8.88
C MET B 251 18.49 -2.74 10.09
N VAL B 252 17.31 -2.22 10.11
CA VAL B 252 16.90 -1.39 11.26
C VAL B 252 15.55 -1.96 11.66
N THR B 253 15.10 -1.68 12.85
CA THR B 253 13.78 -2.20 13.30
C THR B 253 12.99 -1.00 13.81
N GLN B 254 11.71 -0.96 13.58
CA GLN B 254 10.88 0.17 14.08
C GLN B 254 9.70 -0.57 14.74
N LEU B 255 9.18 -0.05 15.80
CA LEU B 255 8.03 -0.73 16.50
C LEU B 255 6.79 0.16 16.18
#